data_3LI2
#
_entry.id   3LI2
#
_cell.length_a   52.280
_cell.length_b   148.600
_cell.length_c   52.270
_cell.angle_alpha   90.000
_cell.angle_beta   117.140
_cell.angle_gamma   90.000
#
_symmetry.space_group_name_H-M   'P 1 21 1'
#
loop_
_entity.id
_entity.type
_entity.pdbx_description
1 polymer 'Ferrichrome ABC transporter lipoprotein'
2 non-polymer 'FE (III) ION'
3 non-polymer '(2R)-2-(2-{[(1R)-1-carboxy-4-{[(3S)-3,4-dicarboxy-3-hydroxybutanoyl]amino}butyl]amino}-2-oxoethyl)-2-hydroxybutanedioic acid'
4 non-polymer 'ZINC ION'
5 non-polymer 'ACETATE ION'
6 water water
#
_entity_poly.entity_id   1
_entity_poly.type   'polypeptide(L)'
_entity_poly.pdbx_seq_one_letter_code
;GSHMASTISVKDENGTVKVPKDAKRIVVLEYSFADALAALDVKPVGIADDGKKKRIIKPVREKIGDYTSVGTRKQPNLEE
ISKLKPDLIIADSSRHKGINKELNKIAPTLSLKSFDGDYKQNINSFKTIAKALNKEKEGEKRLAEHDKLINKYKDEIKFD
RNQKVLPAVVAKAGLLAHPNYSYVGQFLNELGFKNALSDDVTKGLSKYLKGPYLQLDTEHLADLNPERMIIMTDHAKKDS
AEFKKLQEDATWKKLNAVKNNRVDIVDRDVWARSRGLISSEEMAKELVELSKKEQK
;
_entity_poly.pdbx_strand_id   A,B
#
# COMPACT_ATOMS: atom_id res chain seq x y z
N ALA A 5 -8.92 -13.80 -23.98
CA ALA A 5 -8.65 -13.83 -22.51
C ALA A 5 -7.84 -12.61 -22.03
N SER A 6 -8.02 -12.22 -20.76
CA SER A 6 -7.19 -11.16 -20.15
C SER A 6 -6.84 -11.35 -18.67
N THR A 7 -6.28 -10.28 -18.09
CA THR A 7 -5.52 -10.35 -16.87
C THR A 7 -5.99 -9.34 -15.80
N ILE A 8 -5.68 -9.64 -14.54
CA ILE A 8 -5.76 -8.68 -13.43
C ILE A 8 -4.34 -8.51 -12.89
N SER A 9 -3.80 -7.30 -13.04
CA SER A 9 -2.49 -6.96 -12.52
C SER A 9 -2.55 -6.71 -11.02
N VAL A 10 -1.64 -7.34 -10.30
CA VAL A 10 -1.62 -7.30 -8.85
C VAL A 10 -0.18 -7.14 -8.35
N LYS A 11 0.01 -6.23 -7.40
CA LYS A 11 1.32 -6.00 -6.81
C LYS A 11 1.62 -7.05 -5.79
N ASP A 12 2.61 -7.89 -6.08
CA ASP A 12 3.06 -8.85 -5.08
C ASP A 12 4.25 -8.22 -4.35
N GLU A 13 5.00 -9.01 -3.58
CA GLU A 13 6.22 -8.50 -2.94
C GLU A 13 7.31 -8.01 -3.94
N ASN A 14 7.51 -8.74 -5.04
CA ASN A 14 8.50 -8.38 -6.06
C ASN A 14 8.08 -7.16 -6.89
N GLY A 15 6.80 -7.12 -7.28
CA GLY A 15 6.27 -6.15 -8.24
C GLY A 15 4.90 -6.57 -8.75
N THR A 16 4.47 -5.97 -9.86
CA THR A 16 3.17 -6.29 -10.47
C THR A 16 3.17 -7.66 -11.16
N VAL A 17 2.33 -8.56 -10.67
CA VAL A 17 2.07 -9.85 -11.30
C VAL A 17 0.79 -9.81 -12.19
N LYS A 18 0.76 -10.58 -13.29
CA LYS A 18 -0.43 -10.72 -14.16
C LYS A 18 -1.22 -12.04 -13.94
N VAL A 19 -2.32 -11.95 -13.19
CA VAL A 19 -3.12 -13.12 -12.76
C VAL A 19 -4.30 -13.28 -13.72
N PRO A 20 -4.61 -14.53 -14.14
CA PRO A 20 -5.74 -14.64 -15.08
C PRO A 20 -7.05 -14.30 -14.39
N LYS A 21 -7.89 -13.51 -15.06
CA LYS A 21 -9.23 -13.17 -14.57
C LYS A 21 -10.06 -14.41 -14.18
N ASP A 22 -10.04 -15.45 -15.03
CA ASP A 22 -10.73 -16.73 -14.80
C ASP A 22 -10.10 -17.67 -13.74
N ALA A 23 -9.06 -17.23 -13.05
CA ALA A 23 -8.28 -18.13 -12.18
C ALA A 23 -9.17 -19.10 -11.38
N LYS A 24 -9.05 -20.40 -11.65
CA LYS A 24 -9.91 -21.40 -10.98
C LYS A 24 -9.11 -22.33 -10.08
N ARG A 25 -7.96 -22.80 -10.57
CA ARG A 25 -7.14 -23.77 -9.83
C ARG A 25 -5.97 -23.10 -9.08
N ILE A 26 -6.01 -23.14 -7.76
CA ILE A 26 -5.03 -22.41 -6.98
C ILE A 26 -4.16 -23.37 -6.13
N VAL A 27 -2.86 -23.26 -6.28
CA VAL A 27 -1.95 -23.90 -5.31
C VAL A 27 -1.43 -22.84 -4.36
N VAL A 28 -1.46 -23.14 -3.07
CA VAL A 28 -0.97 -22.23 -2.05
C VAL A 28 0.13 -22.90 -1.23
N LEU A 29 1.12 -22.11 -0.83
CA LEU A 29 2.33 -22.68 -0.28
C LEU A 29 2.58 -22.30 1.17
N GLU A 30 1.59 -21.62 1.76
CA GLU A 30 1.54 -21.40 3.20
C GLU A 30 0.12 -21.58 3.71
N TYR A 31 -0.01 -22.04 4.96
CA TYR A 31 -1.33 -22.19 5.61
C TYR A 31 -2.18 -20.95 5.61
N SER A 32 -1.53 -19.78 5.72
CA SER A 32 -2.23 -18.51 5.82
C SER A 32 -2.93 -18.17 4.49
N PHE A 33 -2.30 -18.47 3.37
CA PHE A 33 -2.99 -18.28 2.06
C PHE A 33 -4.17 -19.26 1.90
N ALA A 34 -4.08 -20.43 2.51
CA ALA A 34 -5.20 -21.38 2.61
C ALA A 34 -6.37 -20.80 3.44
N ASP A 35 -6.04 -20.09 4.51
CA ASP A 35 -7.04 -19.31 5.27
C ASP A 35 -7.63 -18.15 4.45
N ALA A 36 -6.82 -17.43 3.69
CA ALA A 36 -7.34 -16.35 2.87
C ALA A 36 -8.34 -16.88 1.84
N LEU A 37 -8.02 -18.00 1.18
CA LEU A 37 -8.94 -18.56 0.16
C LEU A 37 -10.30 -18.94 0.75
N ALA A 38 -10.25 -19.69 1.86
CA ALA A 38 -11.45 -20.09 2.57
C ALA A 38 -12.32 -18.89 2.93
N ALA A 39 -11.73 -17.76 3.33
CA ALA A 39 -12.53 -16.61 3.75
C ALA A 39 -13.18 -15.87 2.56
N LEU A 40 -12.86 -16.30 1.35
CA LEU A 40 -13.51 -15.77 0.17
C LEU A 40 -14.27 -16.91 -0.51
N ASP A 41 -14.61 -17.94 0.26
CA ASP A 41 -15.29 -19.16 -0.24
C ASP A 41 -14.66 -19.73 -1.53
N VAL A 42 -13.34 -19.71 -1.60
CA VAL A 42 -12.61 -20.25 -2.75
C VAL A 42 -11.73 -21.35 -2.20
N LYS A 43 -11.65 -22.45 -2.94
CA LYS A 43 -11.00 -23.66 -2.45
C LYS A 43 -9.79 -23.97 -3.35
N PRO A 44 -8.57 -24.06 -2.77
CA PRO A 44 -7.39 -24.38 -3.56
C PRO A 44 -7.37 -25.86 -3.89
N VAL A 45 -6.62 -26.26 -4.90
CA VAL A 45 -6.48 -27.68 -5.22
C VAL A 45 -5.22 -28.22 -4.54
N GLY A 46 -4.26 -27.34 -4.28
CA GLY A 46 -3.02 -27.76 -3.64
C GLY A 46 -2.71 -26.97 -2.39
N ILE A 47 -2.18 -27.67 -1.38
CA ILE A 47 -1.62 -27.00 -0.19
C ILE A 47 -0.27 -27.62 0.22
N ALA A 48 0.74 -26.77 0.48
CA ALA A 48 1.96 -27.23 1.14
C ALA A 48 1.66 -27.26 2.64
N ASP A 49 1.27 -28.43 3.12
CA ASP A 49 0.73 -28.57 4.45
C ASP A 49 1.60 -29.44 5.39
N ASP A 50 2.88 -29.57 5.06
CA ASP A 50 3.85 -30.35 5.84
C ASP A 50 3.43 -31.81 5.91
N GLY A 51 2.57 -32.21 4.98
CA GLY A 51 1.91 -33.52 5.01
C GLY A 51 0.96 -33.70 6.16
N LYS A 52 0.70 -32.61 6.89
CA LYS A 52 -0.11 -32.67 8.11
C LYS A 52 -1.39 -31.85 8.03
N LYS A 53 -2.41 -32.43 7.40
CA LYS A 53 -3.71 -31.78 7.18
C LYS A 53 -4.27 -31.07 8.43
N LYS A 54 -3.99 -31.62 9.62
CA LYS A 54 -4.48 -31.07 10.90
C LYS A 54 -3.85 -29.73 11.29
N ARG A 55 -2.73 -29.39 10.65
CA ARG A 55 -2.13 -28.06 10.84
C ARG A 55 -2.96 -26.97 10.15
N ILE A 56 -3.90 -27.39 9.30
CA ILE A 56 -4.95 -26.50 8.82
C ILE A 56 -6.08 -26.49 9.87
N ILE A 57 -6.21 -25.35 10.56
CA ILE A 57 -7.26 -25.11 11.58
C ILE A 57 -8.70 -25.47 11.15
N LYS A 58 -9.52 -25.91 12.10
CA LYS A 58 -10.81 -26.54 11.83
C LYS A 58 -11.72 -25.74 10.88
N PRO A 59 -11.99 -24.46 11.18
CA PRO A 59 -12.96 -23.80 10.30
C PRO A 59 -12.49 -23.68 8.85
N VAL A 60 -11.16 -23.61 8.65
CA VAL A 60 -10.57 -23.59 7.31
C VAL A 60 -10.61 -24.99 6.68
N ARG A 61 -10.18 -25.98 7.46
CA ARG A 61 -10.04 -27.36 6.99
C ARG A 61 -11.35 -27.87 6.35
N GLU A 62 -12.47 -27.70 7.06
CA GLU A 62 -13.78 -28.13 6.57
C GLU A 62 -14.39 -27.22 5.50
N LYS A 63 -13.94 -25.96 5.43
CA LYS A 63 -14.37 -25.04 4.36
C LYS A 63 -13.52 -25.20 3.09
N ILE A 64 -12.40 -25.90 3.17
CA ILE A 64 -11.62 -26.18 2.00
C ILE A 64 -12.06 -27.47 1.37
N GLY A 65 -12.36 -28.47 2.22
CA GLY A 65 -12.80 -29.79 1.75
C GLY A 65 -11.62 -30.71 1.44
N ASP A 66 -11.61 -31.27 0.23
CA ASP A 66 -10.58 -32.23 -0.17
C ASP A 66 -9.60 -31.61 -1.17
N TYR A 67 -8.31 -31.63 -0.84
CA TYR A 67 -7.27 -31.01 -1.67
C TYR A 67 -6.05 -31.95 -1.85
N THR A 68 -5.03 -31.47 -2.56
CA THR A 68 -3.79 -32.24 -2.73
C THR A 68 -2.54 -31.64 -2.06
N SER A 69 -1.89 -32.44 -1.19
CA SER A 69 -0.65 -32.03 -0.53
C SER A 69 0.47 -31.80 -1.51
N VAL A 70 1.01 -30.60 -1.54
CA VAL A 70 2.21 -30.45 -2.35
C VAL A 70 3.50 -30.60 -1.54
N GLY A 71 3.34 -31.06 -0.30
CA GLY A 71 4.48 -31.32 0.59
C GLY A 71 4.80 -30.26 1.63
N THR A 72 6.08 -30.13 1.97
CA THR A 72 6.48 -29.24 3.04
C THR A 72 6.51 -27.80 2.56
N ARG A 73 6.29 -26.89 3.50
CA ARG A 73 6.31 -25.47 3.23
C ARG A 73 7.72 -25.01 2.90
N LYS A 74 8.68 -25.58 3.61
CA LYS A 74 10.09 -25.34 3.37
C LYS A 74 10.55 -25.85 2.00
N GLN A 75 10.17 -27.08 1.64
CA GLN A 75 10.51 -27.63 0.31
C GLN A 75 9.31 -28.19 -0.47
N PRO A 76 8.46 -27.28 -1.02
CA PRO A 76 7.31 -27.69 -1.83
C PRO A 76 7.75 -28.56 -3.01
N ASN A 77 6.98 -29.60 -3.29
CA ASN A 77 7.35 -30.62 -4.23
C ASN A 77 6.87 -30.23 -5.65
N LEU A 78 7.81 -29.89 -6.53
CA LEU A 78 7.48 -29.21 -7.80
C LEU A 78 6.69 -30.04 -8.81
N GLU A 79 6.88 -31.35 -8.78
CA GLU A 79 6.14 -32.24 -9.66
C GLU A 79 4.68 -32.43 -9.22
N GLU A 80 4.42 -32.45 -7.91
CA GLU A 80 3.03 -32.44 -7.44
C GLU A 80 2.34 -31.08 -7.73
N ILE A 81 3.06 -29.97 -7.57
CA ILE A 81 2.51 -28.65 -8.00
C ILE A 81 2.13 -28.67 -9.51
N SER A 82 3.10 -28.90 -10.38
CA SER A 82 2.91 -29.00 -11.83
C SER A 82 1.69 -29.83 -12.28
N LYS A 83 1.62 -31.10 -11.82
CA LYS A 83 0.53 -32.04 -12.10
C LYS A 83 -0.85 -31.48 -11.75
N LEU A 84 -0.93 -30.73 -10.66
CA LEU A 84 -2.18 -30.04 -10.29
C LEU A 84 -2.64 -28.92 -11.27
N LYS A 85 -1.82 -28.66 -12.27
CA LYS A 85 -2.08 -27.60 -13.26
C LYS A 85 -2.78 -26.39 -12.67
N PRO A 86 -2.10 -25.67 -11.76
CA PRO A 86 -2.79 -24.53 -11.16
C PRO A 86 -2.85 -23.36 -12.14
N ASP A 87 -3.88 -22.54 -12.00
CA ASP A 87 -4.01 -21.30 -12.76
C ASP A 87 -3.19 -20.21 -12.03
N LEU A 88 -2.80 -20.47 -10.79
CA LEU A 88 -2.12 -19.49 -9.94
C LEU A 88 -1.47 -20.15 -8.71
N ILE A 89 -0.28 -19.69 -8.34
CA ILE A 89 0.47 -20.20 -7.17
C ILE A 89 0.70 -19.06 -6.22
N ILE A 90 0.25 -19.22 -4.99
CA ILE A 90 0.53 -18.26 -3.95
C ILE A 90 1.68 -18.75 -3.05
N ALA A 91 2.83 -18.12 -3.24
CA ALA A 91 4.09 -18.48 -2.59
C ALA A 91 4.44 -17.42 -1.54
N ASP A 92 5.25 -17.83 -0.57
CA ASP A 92 5.70 -17.00 0.54
C ASP A 92 6.94 -16.24 0.12
N SER A 93 6.97 -14.93 0.39
CA SER A 93 8.08 -14.07 -0.08
C SER A 93 9.38 -14.39 0.64
N SER A 94 9.27 -15.03 1.79
CA SER A 94 10.46 -15.49 2.52
C SER A 94 10.83 -16.92 2.07
N ARG A 95 9.91 -17.87 2.30
CA ARG A 95 10.21 -19.31 2.18
C ARG A 95 10.70 -19.77 0.82
N HIS A 96 10.18 -19.16 -0.24
CA HIS A 96 10.33 -19.70 -1.60
C HIS A 96 11.05 -18.74 -2.54
N LYS A 97 11.92 -17.88 -2.01
CA LYS A 97 12.69 -16.98 -2.85
C LYS A 97 13.39 -17.82 -3.91
N GLY A 98 13.86 -19.00 -3.48
CA GLY A 98 14.74 -19.89 -4.27
C GLY A 98 14.10 -20.77 -5.33
N ILE A 99 12.77 -20.86 -5.32
N ILE A 99 12.77 -20.91 -5.31
CA ILE A 99 12.02 -21.62 -6.33
CA ILE A 99 12.07 -21.62 -6.38
C ILE A 99 11.07 -20.72 -7.13
C ILE A 99 11.07 -20.72 -7.13
N ASN A 100 11.29 -19.41 -7.07
CA ASN A 100 10.40 -18.41 -7.65
C ASN A 100 10.32 -18.52 -9.17
N LYS A 101 11.49 -18.66 -9.79
CA LYS A 101 11.61 -18.96 -11.21
C LYS A 101 10.84 -20.23 -11.60
N GLU A 102 11.15 -21.34 -10.92
CA GLU A 102 10.56 -22.67 -11.24
C GLU A 102 9.05 -22.72 -10.92
N LEU A 103 8.58 -21.76 -10.12
CA LEU A 103 7.15 -21.70 -9.87
C LEU A 103 6.49 -21.05 -11.08
N ASN A 104 7.11 -19.98 -11.59
CA ASN A 104 6.58 -19.25 -12.75
C ASN A 104 6.47 -20.06 -14.04
N LYS A 105 7.38 -21.01 -14.23
CA LYS A 105 7.31 -21.96 -15.37
C LYS A 105 6.01 -22.78 -15.30
N ILE A 106 5.64 -23.18 -14.08
CA ILE A 106 4.35 -23.85 -13.85
C ILE A 106 3.17 -22.89 -14.05
N ALA A 107 3.18 -21.76 -13.33
CA ALA A 107 2.00 -20.87 -13.27
C ALA A 107 2.36 -19.48 -12.73
N PRO A 108 1.60 -18.43 -13.11
CA PRO A 108 1.90 -17.08 -12.59
C PRO A 108 1.85 -17.01 -11.05
N THR A 109 2.91 -16.47 -10.47
CA THR A 109 3.18 -16.59 -9.05
C THR A 109 3.03 -15.27 -8.34
N LEU A 110 2.24 -15.30 -7.28
CA LEU A 110 2.09 -14.19 -6.39
C LEU A 110 2.96 -14.51 -5.17
N SER A 111 4.06 -13.80 -5.02
CA SER A 111 4.94 -13.92 -3.85
C SER A 111 4.55 -12.92 -2.72
N LEU A 112 4.12 -13.45 -1.58
CA LEU A 112 3.52 -12.60 -0.56
C LEU A 112 4.08 -12.85 0.85
N LYS A 113 3.90 -11.86 1.71
CA LYS A 113 4.33 -12.00 3.11
C LYS A 113 3.47 -12.99 3.82
N SER A 114 4.15 -13.93 4.49
CA SER A 114 3.51 -14.84 5.41
C SER A 114 4.39 -15.18 6.62
N PHE A 115 5.42 -16.00 6.40
CA PHE A 115 6.31 -16.54 7.42
C PHE A 115 7.11 -15.46 8.14
N ASP A 116 7.64 -14.51 7.37
CA ASP A 116 8.33 -13.39 7.95
C ASP A 116 7.48 -12.12 8.10
N GLY A 117 6.16 -12.24 7.96
CA GLY A 117 5.28 -11.07 8.06
C GLY A 117 4.65 -10.95 9.43
N ASP A 118 4.49 -9.73 9.90
CA ASP A 118 3.81 -9.50 11.16
C ASP A 118 2.32 -9.55 10.87
N TYR A 119 1.53 -8.97 11.78
CA TYR A 119 0.11 -9.23 11.78
C TYR A 119 -0.55 -8.45 10.67
N LYS A 120 -0.20 -7.16 10.58
CA LYS A 120 -0.71 -6.26 9.54
C LYS A 120 -0.34 -6.75 8.14
N GLN A 121 0.91 -7.17 7.95
CA GLN A 121 1.38 -7.57 6.62
C GLN A 121 0.64 -8.82 6.13
N ASN A 122 0.42 -9.78 7.03
CA ASN A 122 -0.33 -10.96 6.69
C ASN A 122 -1.74 -10.59 6.28
N ILE A 123 -2.31 -9.58 6.95
CA ILE A 123 -3.62 -9.05 6.57
C ILE A 123 -3.55 -8.32 5.24
N ASN A 124 -2.41 -7.68 5.00
CA ASN A 124 -2.15 -7.08 3.70
C ASN A 124 -2.06 -8.11 2.60
N SER A 125 -1.55 -9.29 2.93
CA SER A 125 -1.42 -10.34 1.91
C SER A 125 -2.78 -10.92 1.58
N PHE A 126 -3.68 -10.89 2.56
CA PHE A 126 -5.06 -11.34 2.41
C PHE A 126 -5.79 -10.43 1.42
N LYS A 127 -5.66 -9.10 1.60
CA LYS A 127 -6.25 -8.09 0.69
C LYS A 127 -5.72 -8.26 -0.74
N THR A 128 -4.42 -8.55 -0.88
CA THR A 128 -3.80 -8.79 -2.18
C THR A 128 -4.37 -10.01 -2.89
N ILE A 129 -4.66 -11.06 -2.12
CA ILE A 129 -5.28 -12.27 -2.67
C ILE A 129 -6.68 -11.99 -3.15
N ALA A 130 -7.45 -11.26 -2.34
CA ALA A 130 -8.81 -10.90 -2.70
C ALA A 130 -8.90 -10.06 -3.98
N LYS A 131 -7.98 -9.11 -4.13
CA LYS A 131 -7.90 -8.32 -5.35
C LYS A 131 -7.52 -9.20 -6.54
N ALA A 132 -6.59 -10.14 -6.33
CA ALA A 132 -6.15 -11.02 -7.40
C ALA A 132 -7.28 -11.93 -7.89
N LEU A 133 -8.16 -12.33 -6.96
CA LEU A 133 -9.30 -13.12 -7.33
C LEU A 133 -10.50 -12.28 -7.76
N ASN A 134 -10.36 -10.95 -7.73
CA ASN A 134 -11.48 -10.03 -8.02
C ASN A 134 -12.62 -10.18 -6.99
N LYS A 135 -12.24 -10.41 -5.74
CA LYS A 135 -13.21 -10.51 -4.63
C LYS A 135 -12.94 -9.42 -3.58
N GLU A 136 -12.70 -8.21 -4.05
CA GLU A 136 -12.41 -7.10 -3.16
C GLU A 136 -13.54 -6.87 -2.16
N LYS A 137 -14.79 -6.84 -2.68
CA LYS A 137 -16.03 -6.71 -1.89
C LYS A 137 -16.18 -7.74 -0.76
N GLU A 138 -16.14 -9.03 -1.07
CA GLU A 138 -16.14 -10.08 -0.04
C GLU A 138 -15.02 -9.80 0.98
N GLY A 139 -13.83 -9.52 0.45
CA GLY A 139 -12.63 -9.21 1.22
C GLY A 139 -12.81 -8.14 2.27
N GLU A 140 -13.36 -6.99 1.87
CA GLU A 140 -13.60 -5.90 2.80
C GLU A 140 -14.63 -6.24 3.89
N LYS A 141 -15.68 -6.96 3.52
CA LYS A 141 -16.73 -7.36 4.46
C LYS A 141 -16.24 -8.39 5.47
N ARG A 142 -15.46 -9.35 5.00
N ARG A 142 -15.45 -9.36 5.00
CA ARG A 142 -14.85 -10.35 5.88
CA ARG A 142 -14.84 -10.36 5.89
C ARG A 142 -13.90 -9.69 6.89
C ARG A 142 -13.86 -9.73 6.87
N LEU A 143 -13.11 -8.73 6.41
CA LEU A 143 -12.23 -7.91 7.27
C LEU A 143 -13.01 -7.02 8.23
N ALA A 144 -14.14 -6.50 7.76
CA ALA A 144 -15.03 -5.69 8.60
C ALA A 144 -15.63 -6.54 9.70
N GLU A 145 -16.03 -7.77 9.35
CA GLU A 145 -16.41 -8.78 10.34
C GLU A 145 -15.24 -9.12 11.28
N HIS A 146 -14.03 -9.18 10.71
CA HIS A 146 -12.81 -9.46 11.47
C HIS A 146 -12.46 -8.34 12.45
N ASP A 147 -12.41 -7.10 11.94
CA ASP A 147 -12.08 -5.92 12.75
C ASP A 147 -13.05 -5.75 13.92
N LYS A 148 -14.25 -6.31 13.75
CA LYS A 148 -15.26 -6.25 14.79
C LYS A 148 -14.97 -7.25 15.90
N LEU A 149 -14.91 -8.53 15.57
CA LEU A 149 -14.58 -9.59 16.54
C LEU A 149 -13.35 -9.25 17.34
N ILE A 150 -12.24 -9.00 16.65
CA ILE A 150 -10.95 -8.73 17.30
C ILE A 150 -11.06 -7.60 18.31
N ASN A 151 -11.66 -6.48 17.90
CA ASN A 151 -11.85 -5.37 18.81
C ASN A 151 -12.86 -5.69 19.92
N LYS A 152 -13.88 -6.49 19.60
CA LYS A 152 -14.83 -6.97 20.60
C LYS A 152 -14.09 -7.80 21.67
N TYR A 153 -13.40 -8.84 21.24
CA TYR A 153 -12.56 -9.64 22.15
C TYR A 153 -11.49 -8.80 22.87
N LYS A 154 -10.93 -7.81 22.18
CA LYS A 154 -9.93 -6.90 22.76
C LYS A 154 -10.51 -6.13 23.96
N ASP A 155 -11.79 -5.78 23.86
CA ASP A 155 -12.49 -5.11 24.95
C ASP A 155 -12.96 -6.06 26.06
N GLU A 156 -12.84 -7.37 25.87
CA GLU A 156 -13.26 -8.33 26.90
C GLU A 156 -12.11 -9.05 27.62
N ILE A 157 -10.89 -8.98 27.08
CA ILE A 157 -9.69 -9.58 27.70
C ILE A 157 -9.34 -8.87 29.02
N LYS A 158 -9.41 -9.63 30.12
CA LYS A 158 -9.30 -9.05 31.47
C LYS A 158 -7.91 -9.18 32.10
N PHE A 159 -6.90 -9.42 31.27
CA PHE A 159 -5.51 -9.33 31.70
C PHE A 159 -5.14 -7.86 31.77
N ASP A 160 -4.32 -7.47 32.75
CA ASP A 160 -3.81 -6.10 32.80
C ASP A 160 -2.75 -5.93 31.70
N ARG A 161 -2.89 -4.87 30.91
CA ARG A 161 -2.01 -4.65 29.74
C ARG A 161 -0.58 -4.22 30.09
N ASN A 162 -0.38 -3.79 31.33
CA ASN A 162 0.91 -3.33 31.86
C ASN A 162 1.85 -4.44 32.34
N GLN A 163 1.43 -5.69 32.15
CA GLN A 163 2.29 -6.82 32.48
C GLN A 163 2.81 -7.39 31.18
N LYS A 164 4.03 -6.96 30.85
CA LYS A 164 4.70 -7.27 29.59
C LYS A 164 4.78 -8.78 29.38
N VAL A 165 4.66 -9.19 28.12
CA VAL A 165 4.54 -10.59 27.78
C VAL A 165 5.71 -11.08 26.91
N LEU A 166 6.12 -12.33 27.10
CA LEU A 166 7.00 -13.01 26.15
C LEU A 166 6.29 -14.22 25.55
N PRO A 167 5.92 -14.15 24.25
CA PRO A 167 5.47 -15.34 23.53
C PRO A 167 6.66 -16.10 22.99
N ALA A 168 6.68 -17.42 23.17
CA ALA A 168 7.83 -18.18 22.75
C ALA A 168 7.44 -19.60 22.37
N VAL A 169 8.27 -20.22 21.53
CA VAL A 169 8.19 -21.64 21.25
C VAL A 169 9.41 -22.26 21.93
N VAL A 170 9.28 -23.40 22.60
CA VAL A 170 10.47 -24.10 23.14
C VAL A 170 10.91 -25.14 22.11
N ALA A 171 11.75 -24.70 21.20
CA ALA A 171 11.77 -25.21 19.83
C ALA A 171 12.02 -26.70 19.65
N LYS A 172 12.91 -27.24 20.48
CA LYS A 172 13.73 -28.39 20.16
C LYS A 172 15.05 -27.78 19.70
N ALA A 173 15.92 -27.40 20.65
CA ALA A 173 15.63 -27.44 22.09
C ALA A 173 15.17 -26.07 22.66
N GLY A 174 14.91 -25.11 21.76
CA GLY A 174 14.47 -23.76 22.14
C GLY A 174 15.52 -23.00 22.92
N LEU A 175 15.21 -21.81 23.42
CA LEU A 175 13.93 -21.12 23.23
C LEU A 175 13.89 -20.20 22.00
N LEU A 176 12.70 -20.01 21.40
CA LEU A 176 12.44 -19.05 20.33
C LEU A 176 11.43 -17.96 20.71
N ALA A 177 11.88 -16.72 20.84
CA ALA A 177 10.99 -15.64 21.23
C ALA A 177 10.35 -15.05 19.99
N HIS A 178 9.09 -14.67 20.10
CA HIS A 178 8.37 -13.99 19.03
C HIS A 178 8.31 -12.50 19.37
N PRO A 179 9.09 -11.68 18.66
CA PRO A 179 9.21 -10.26 19.04
C PRO A 179 8.00 -9.45 18.56
N ASN A 180 8.08 -8.13 18.73
CA ASN A 180 7.01 -7.21 18.30
C ASN A 180 6.77 -7.15 16.77
N TYR A 181 7.73 -7.67 16.00
CA TYR A 181 7.62 -7.72 14.55
C TYR A 181 7.36 -9.16 14.03
N SER A 182 6.97 -10.04 14.94
CA SER A 182 6.44 -11.35 14.57
C SER A 182 4.92 -11.24 14.48
N TYR A 183 4.29 -12.22 13.86
CA TYR A 183 2.83 -12.25 13.81
C TYR A 183 2.21 -12.27 15.21
N VAL A 184 2.57 -13.25 16.04
CA VAL A 184 2.05 -13.32 17.41
C VAL A 184 2.31 -11.99 18.13
N GLY A 185 3.56 -11.54 18.17
CA GLY A 185 3.91 -10.35 18.94
C GLY A 185 3.08 -9.13 18.57
N GLN A 186 3.02 -8.81 17.27
CA GLN A 186 2.23 -7.64 16.85
C GLN A 186 0.75 -7.85 17.12
N PHE A 187 0.24 -9.03 16.81
CA PHE A 187 -1.14 -9.33 17.17
C PHE A 187 -1.40 -9.05 18.68
N LEU A 188 -0.44 -9.41 19.53
CA LEU A 188 -0.55 -9.05 20.94
C LEU A 188 -0.43 -7.55 21.13
N ASN A 189 0.40 -6.89 20.33
CA ASN A 189 0.50 -5.44 20.42
C ASN A 189 -0.85 -4.81 20.06
N GLU A 190 -1.45 -5.23 18.93
CA GLU A 190 -2.82 -4.83 18.55
C GLU A 190 -3.92 -5.08 19.61
N LEU A 191 -3.71 -6.08 20.48
CA LEU A 191 -4.65 -6.35 21.57
C LEU A 191 -4.35 -5.55 22.84
N GLY A 192 -3.32 -4.71 22.79
CA GLY A 192 -2.99 -3.81 23.89
C GLY A 192 -1.70 -4.14 24.61
N PHE A 193 -1.23 -5.38 24.47
CA PHE A 193 -0.06 -5.87 25.21
C PHE A 193 1.25 -5.28 24.74
N LYS A 194 2.21 -5.22 25.63
CA LYS A 194 3.54 -4.76 25.31
C LYS A 194 4.39 -5.98 25.29
N ASN A 195 5.17 -6.14 24.23
CA ASN A 195 6.12 -7.23 24.22
C ASN A 195 7.17 -6.96 25.31
N ALA A 196 7.59 -8.00 26.02
CA ALA A 196 8.68 -7.90 27.00
C ALA A 196 10.00 -7.61 26.31
N LEU A 197 10.20 -8.23 25.15
CA LEU A 197 11.34 -7.92 24.32
C LEU A 197 11.27 -6.49 23.85
N SER A 198 12.31 -5.74 24.17
CA SER A 198 12.39 -4.36 23.74
C SER A 198 12.95 -4.33 22.34
N ASP A 199 12.41 -3.37 21.59
CA ASP A 199 12.78 -3.05 20.22
C ASP A 199 14.24 -2.56 20.11
N ASP A 200 15.17 -3.30 20.74
CA ASP A 200 16.59 -2.93 20.87
C ASP A 200 17.45 -4.10 21.39
N VAL A 201 16.90 -4.90 22.30
CA VAL A 201 17.51 -6.18 22.68
C VAL A 201 17.48 -7.14 21.49
N THR A 202 16.43 -7.04 20.66
CA THR A 202 16.29 -7.93 19.50
C THR A 202 17.38 -7.66 18.47
N LYS A 203 17.97 -6.47 18.54
CA LYS A 203 19.11 -6.06 17.68
C LYS A 203 19.91 -7.27 17.19
N GLY A 204 20.61 -7.93 18.10
CA GLY A 204 21.26 -9.19 17.79
C GLY A 204 20.22 -10.29 17.76
N LEU A 205 20.47 -11.37 18.46
CA LEU A 205 19.67 -12.57 18.38
C LEU A 205 19.60 -13.08 16.92
N SER A 206 20.09 -14.29 16.76
CA SER A 206 20.05 -14.97 15.49
C SER A 206 18.56 -15.17 15.12
N LYS A 207 18.28 -15.41 13.84
CA LYS A 207 16.90 -15.61 13.39
C LYS A 207 16.72 -17.08 13.03
N TYR A 208 15.49 -17.57 13.17
CA TYR A 208 15.17 -18.92 12.76
C TYR A 208 14.60 -18.92 11.33
N LEU A 209 15.27 -19.60 10.40
CA LEU A 209 14.88 -19.63 8.97
C LEU A 209 14.59 -18.23 8.34
N LYS A 210 15.34 -17.22 8.75
CA LYS A 210 15.20 -15.83 8.28
C LYS A 210 13.95 -15.07 8.79
N GLY A 211 13.15 -15.73 9.63
CA GLY A 211 11.94 -15.13 10.15
C GLY A 211 12.14 -14.50 11.51
N PRO A 212 11.15 -13.73 11.97
CA PRO A 212 11.20 -12.99 13.22
C PRO A 212 11.03 -13.91 14.44
N TYR A 213 11.87 -14.95 14.53
CA TYR A 213 11.78 -15.96 15.56
C TYR A 213 13.21 -16.10 16.12
N LEU A 214 13.37 -15.70 17.38
CA LEU A 214 14.70 -15.30 17.85
C LEU A 214 15.16 -16.20 18.96
N GLN A 215 16.34 -16.79 18.75
N GLN A 215 16.32 -16.84 18.76
CA GLN A 215 16.93 -17.72 19.72
CA GLN A 215 16.80 -17.80 19.76
C GLN A 215 17.33 -17.00 21.01
C GLN A 215 17.35 -17.06 20.99
N LEU A 216 16.97 -17.57 22.16
CA LEU A 216 17.21 -16.93 23.45
C LEU A 216 17.94 -17.94 24.31
N ASP A 217 19.07 -17.54 24.91
CA ASP A 217 19.77 -18.36 25.90
C ASP A 217 18.96 -18.30 27.22
N THR A 218 19.10 -19.28 28.12
CA THR A 218 18.30 -19.21 29.37
C THR A 218 18.68 -17.94 30.16
N GLU A 219 19.89 -17.47 29.99
CA GLU A 219 20.28 -16.21 30.64
C GLU A 219 19.72 -14.92 30.04
N HIS A 220 19.53 -14.85 28.72
CA HIS A 220 18.73 -13.73 28.13
C HIS A 220 17.35 -13.73 28.75
N LEU A 221 16.83 -14.94 28.95
CA LEU A 221 15.52 -15.12 29.56
C LEU A 221 15.45 -14.42 30.92
N ALA A 222 16.38 -14.77 31.81
CA ALA A 222 16.43 -14.19 33.15
C ALA A 222 16.56 -12.68 33.14
N ASP A 223 17.40 -12.15 32.26
CA ASP A 223 17.64 -10.68 32.15
C ASP A 223 16.32 -9.93 31.93
N LEU A 224 15.58 -10.29 30.90
CA LEU A 224 14.32 -9.58 30.68
C LEU A 224 13.15 -9.96 31.60
N ASN A 225 13.15 -11.16 32.18
CA ASN A 225 12.25 -11.45 33.32
C ASN A 225 10.81 -10.97 33.01
N PRO A 226 10.23 -11.44 31.88
CA PRO A 226 8.87 -11.01 31.50
C PRO A 226 7.84 -11.20 32.63
N GLU A 227 6.82 -10.34 32.69
CA GLU A 227 5.76 -10.49 33.70
C GLU A 227 4.67 -11.49 33.30
N ARG A 228 4.61 -11.82 32.01
CA ARG A 228 3.64 -12.80 31.51
C ARG A 228 4.27 -13.53 30.35
N MET A 229 3.91 -14.80 30.16
CA MET A 229 4.44 -15.57 29.07
C MET A 229 3.39 -16.42 28.42
N ILE A 230 3.57 -16.68 27.12
N ILE A 230 3.52 -16.61 27.11
CA ILE A 230 2.65 -17.53 26.36
CA ILE A 230 2.69 -17.54 26.37
C ILE A 230 3.44 -18.54 25.52
C ILE A 230 3.62 -18.49 25.65
N ILE A 231 3.55 -19.76 26.02
CA ILE A 231 4.36 -20.83 25.44
C ILE A 231 3.54 -21.64 24.41
N MET A 232 3.91 -21.56 23.13
CA MET A 232 3.20 -22.25 22.06
C MET A 232 3.81 -23.63 21.88
N THR A 233 2.96 -24.69 21.93
CA THR A 233 3.41 -26.08 21.80
C THR A 233 2.50 -26.91 20.90
N ASP A 234 3.08 -27.94 20.27
CA ASP A 234 2.33 -28.93 19.48
C ASP A 234 1.85 -30.15 20.27
N HIS A 235 2.37 -30.37 21.48
CA HIS A 235 1.95 -31.54 22.31
C HIS A 235 0.56 -31.31 22.86
N ALA A 236 -0.35 -32.17 22.43
CA ALA A 236 -1.73 -32.25 22.91
C ALA A 236 -1.81 -32.27 24.43
N LYS A 237 -0.89 -32.97 25.10
CA LYS A 237 -0.84 -33.02 26.55
C LYS A 237 -0.10 -31.82 27.12
N LYS A 238 0.17 -30.85 26.25
CA LYS A 238 0.91 -29.64 26.61
C LYS A 238 2.02 -30.05 27.55
N ASP A 239 2.61 -31.22 27.31
CA ASP A 239 3.75 -31.66 28.11
C ASP A 239 5.06 -31.14 27.51
N SER A 240 5.55 -31.82 26.47
CA SER A 240 6.92 -31.71 25.95
C SER A 240 8.00 -32.09 26.95
N ALA A 241 8.78 -33.11 26.60
CA ALA A 241 10.03 -33.44 27.27
C ALA A 241 10.97 -32.22 27.31
N GLU A 242 10.96 -31.43 26.24
CA GLU A 242 11.84 -30.26 26.12
C GLU A 242 11.48 -29.19 27.15
N PHE A 243 10.18 -28.93 27.29
CA PHE A 243 9.67 -27.85 28.14
C PHE A 243 9.76 -28.20 29.61
N LYS A 244 9.65 -29.49 29.90
CA LYS A 244 9.72 -29.93 31.27
C LYS A 244 11.14 -29.75 31.84
N LYS A 245 12.18 -29.88 31.01
CA LYS A 245 13.56 -29.61 31.45
C LYS A 245 13.78 -28.14 31.74
N LEU A 246 13.14 -27.28 30.94
CA LEU A 246 13.14 -25.86 31.22
C LEU A 246 12.45 -25.51 32.54
N GLN A 247 11.36 -26.20 32.88
CA GLN A 247 10.64 -25.92 34.14
C GLN A 247 11.38 -26.39 35.40
N GLU A 248 12.31 -27.32 35.23
CA GLU A 248 13.14 -27.80 36.34
C GLU A 248 14.33 -26.87 36.59
N ASP A 249 14.78 -26.22 35.52
CA ASP A 249 15.92 -25.30 35.56
C ASP A 249 15.68 -24.23 36.62
N ALA A 250 16.65 -24.05 37.51
CA ALA A 250 16.52 -23.10 38.62
C ALA A 250 16.23 -21.67 38.16
N THR A 251 16.76 -21.29 37.00
CA THR A 251 16.64 -19.93 36.46
C THR A 251 15.26 -19.66 35.82
N TRP A 252 14.58 -20.73 35.43
CA TRP A 252 13.22 -20.62 34.92
C TRP A 252 12.31 -20.36 36.11
N LYS A 253 12.55 -21.09 37.20
CA LYS A 253 11.73 -21.03 38.41
C LYS A 253 11.68 -19.61 39.00
N LYS A 254 12.73 -18.84 38.78
CA LYS A 254 12.89 -17.49 39.37
C LYS A 254 12.31 -16.33 38.53
N LEU A 255 11.91 -16.65 37.30
CA LEU A 255 11.23 -15.70 36.41
C LEU A 255 9.99 -15.08 37.09
N ASN A 256 9.70 -13.82 36.78
CA ASN A 256 8.59 -13.12 37.44
C ASN A 256 7.23 -13.74 37.06
N ALA A 257 7.05 -14.09 35.79
CA ALA A 257 5.81 -14.71 35.31
C ALA A 257 5.58 -16.12 35.87
N VAL A 258 6.66 -16.83 36.17
CA VAL A 258 6.58 -18.19 36.69
C VAL A 258 6.18 -18.12 38.15
N LYS A 259 6.74 -17.13 38.84
CA LYS A 259 6.49 -16.89 40.27
C LYS A 259 5.17 -16.18 40.57
N ASN A 260 4.61 -15.47 39.60
CA ASN A 260 3.30 -14.82 39.77
C ASN A 260 2.16 -15.55 39.06
N ASN A 261 2.42 -16.80 38.66
CA ASN A 261 1.42 -17.69 38.04
C ASN A 261 0.76 -17.13 36.78
N ARG A 262 1.60 -16.69 35.85
CA ARG A 262 1.13 -16.03 34.62
C ARG A 262 1.84 -16.58 33.39
N VAL A 263 1.87 -17.92 33.31
CA VAL A 263 2.36 -18.65 32.18
C VAL A 263 1.14 -19.38 31.60
N ASP A 264 0.85 -19.12 30.33
CA ASP A 264 -0.27 -19.76 29.62
C ASP A 264 0.29 -20.60 28.48
N ILE A 265 -0.13 -21.86 28.39
CA ILE A 265 0.41 -22.74 27.37
C ILE A 265 -0.68 -22.89 26.32
N VAL A 266 -0.34 -22.68 25.04
CA VAL A 266 -1.34 -22.69 23.95
C VAL A 266 -0.90 -23.47 22.70
N ASP A 267 -1.82 -23.63 21.74
CA ASP A 267 -1.57 -24.46 20.55
C ASP A 267 -0.81 -23.74 19.42
N ARG A 268 0.34 -24.29 19.06
CA ARG A 268 1.25 -23.67 18.13
C ARG A 268 0.70 -23.65 16.71
N ASP A 269 0.12 -24.76 16.27
CA ASP A 269 -0.66 -24.76 15.02
C ASP A 269 -1.55 -23.53 14.95
N VAL A 270 -2.40 -23.33 15.98
CA VAL A 270 -3.35 -22.20 16.00
C VAL A 270 -2.65 -20.84 16.11
N TRP A 271 -1.74 -20.70 17.06
CA TRP A 271 -1.16 -19.42 17.40
C TRP A 271 -0.06 -18.93 16.44
N ALA A 272 0.78 -19.86 15.97
CA ALA A 272 2.04 -19.49 15.34
C ALA A 272 2.13 -19.84 13.87
N ARG A 273 1.54 -20.97 13.51
CA ARG A 273 1.64 -21.50 12.15
C ARG A 273 0.51 -21.05 11.23
N SER A 274 -0.67 -20.90 11.81
CA SER A 274 -1.87 -20.61 11.03
C SER A 274 -1.83 -19.25 10.32
N ARG A 275 -1.67 -18.17 11.08
CA ARG A 275 -1.55 -16.80 10.58
C ARG A 275 -2.73 -16.37 9.66
N GLY A 276 -3.95 -16.58 10.11
CA GLY A 276 -5.13 -16.24 9.28
C GLY A 276 -6.15 -15.43 10.06
N LEU A 277 -7.24 -15.05 9.40
CA LEU A 277 -8.33 -14.35 10.09
C LEU A 277 -8.96 -15.23 11.16
N ILE A 278 -9.37 -16.45 10.78
CA ILE A 278 -9.93 -17.40 11.73
C ILE A 278 -8.98 -17.70 12.91
N SER A 279 -7.71 -17.97 12.63
CA SER A 279 -6.81 -18.33 13.71
C SER A 279 -6.60 -17.18 14.72
N SER A 280 -6.46 -15.94 14.25
CA SER A 280 -6.44 -14.80 15.17
C SER A 280 -7.75 -14.70 15.96
N GLU A 281 -8.87 -15.02 15.30
CA GLU A 281 -10.14 -15.01 16.01
C GLU A 281 -10.22 -16.02 17.18
N GLU A 282 -9.55 -17.17 17.04
CA GLU A 282 -9.50 -18.17 18.10
C GLU A 282 -8.52 -17.72 19.19
N MET A 283 -7.39 -17.14 18.76
CA MET A 283 -6.39 -16.57 19.66
C MET A 283 -6.98 -15.54 20.62
N ALA A 284 -7.81 -14.65 20.10
CA ALA A 284 -8.44 -13.61 20.91
C ALA A 284 -9.57 -14.14 21.82
N LYS A 285 -10.29 -15.18 21.37
CA LYS A 285 -11.34 -15.82 22.19
C LYS A 285 -10.70 -16.54 23.38
N GLU A 286 -9.65 -17.30 23.09
CA GLU A 286 -8.81 -17.97 24.07
C GLU A 286 -8.39 -17.00 25.18
N LEU A 287 -7.71 -15.92 24.77
CA LEU A 287 -7.22 -14.89 25.67
C LEU A 287 -8.30 -14.27 26.54
N VAL A 288 -9.54 -14.24 26.05
CA VAL A 288 -10.68 -13.84 26.89
C VAL A 288 -10.98 -14.95 27.89
N GLU A 289 -11.01 -16.18 27.41
CA GLU A 289 -11.26 -17.34 28.28
C GLU A 289 -10.11 -17.58 29.29
N LEU A 290 -8.87 -17.26 28.91
CA LEU A 290 -7.73 -17.35 29.85
C LEU A 290 -7.75 -16.25 30.90
N SER A 291 -8.15 -15.04 30.51
CA SER A 291 -8.33 -13.93 31.44
C SER A 291 -9.33 -14.28 32.55
N LYS A 292 -10.30 -15.12 32.21
CA LYS A 292 -11.31 -15.64 33.16
C LYS A 292 -12.32 -14.57 33.55
N ALA B 5 27.80 1.81 1.86
CA ALA B 5 26.41 2.14 1.45
C ALA B 5 25.37 1.60 2.45
N SER B 6 24.82 2.48 3.28
CA SER B 6 23.59 2.17 4.00
C SER B 6 22.39 2.70 3.18
N THR B 7 21.39 1.86 3.07
CA THR B 7 20.29 2.10 2.16
C THR B 7 18.98 1.66 2.80
N ILE B 8 17.88 2.23 2.33
CA ILE B 8 16.55 1.77 2.69
C ILE B 8 15.82 1.23 1.46
N SER B 9 15.20 0.07 1.64
CA SER B 9 14.41 -0.58 0.61
C SER B 9 13.05 0.09 0.53
N VAL B 10 12.78 0.78 -0.57
CA VAL B 10 11.43 1.29 -0.81
C VAL B 10 10.81 0.68 -2.08
N LYS B 11 9.49 0.48 -2.04
CA LYS B 11 8.75 -0.01 -3.19
C LYS B 11 8.41 1.16 -4.09
N ASP B 12 8.66 1.02 -5.39
CA ASP B 12 8.13 2.02 -6.32
C ASP B 12 7.11 1.34 -7.26
N GLU B 13 6.70 1.97 -8.36
CA GLU B 13 5.71 1.32 -9.23
C GLU B 13 6.12 -0.05 -9.77
N ASN B 14 7.42 -0.35 -9.79
CA ASN B 14 7.91 -1.51 -10.57
C ASN B 14 8.75 -2.57 -9.85
N GLY B 15 9.09 -2.34 -8.58
CA GLY B 15 9.90 -3.29 -7.79
C GLY B 15 10.31 -2.70 -6.46
N THR B 16 11.50 -3.06 -5.99
CA THR B 16 12.11 -2.40 -4.82
C THR B 16 13.43 -1.78 -5.22
N VAL B 17 13.69 -0.58 -4.74
CA VAL B 17 14.91 0.14 -5.09
C VAL B 17 15.71 0.44 -3.80
N LYS B 18 17.02 0.14 -3.83
CA LYS B 18 17.89 0.44 -2.69
C LYS B 18 18.25 1.91 -2.73
N VAL B 19 17.69 2.71 -1.81
CA VAL B 19 17.95 4.15 -1.82
C VAL B 19 18.93 4.49 -0.72
N PRO B 20 20.01 5.23 -1.04
CA PRO B 20 21.01 5.58 -0.02
C PRO B 20 20.42 6.41 1.13
N LYS B 21 20.84 6.11 2.35
N LYS B 21 20.86 6.09 2.35
CA LYS B 21 20.41 6.87 3.51
CA LYS B 21 20.51 6.83 3.56
C LYS B 21 21.07 8.26 3.58
C LYS B 21 21.23 8.19 3.70
N ASP B 22 22.06 8.52 2.71
CA ASP B 22 22.54 9.90 2.49
C ASP B 22 22.28 10.35 1.04
N ALA B 23 21.00 10.67 0.80
CA ALA B 23 20.57 11.17 -0.48
C ALA B 23 20.42 12.69 -0.40
N LYS B 24 21.51 13.40 -0.66
CA LYS B 24 21.46 14.87 -0.54
C LYS B 24 21.24 15.53 -1.90
N ARG B 25 21.69 14.89 -2.97
CA ARG B 25 21.59 15.47 -4.32
C ARG B 25 20.47 14.81 -5.12
N ILE B 26 19.28 15.41 -5.10
CA ILE B 26 18.11 14.79 -5.72
C ILE B 26 17.61 15.56 -6.94
N VAL B 27 17.36 14.82 -8.03
CA VAL B 27 16.73 15.37 -9.23
C VAL B 27 15.32 14.77 -9.40
N VAL B 28 14.33 15.63 -9.71
CA VAL B 28 12.92 15.25 -9.86
C VAL B 28 12.37 15.67 -11.23
N LEU B 29 11.61 14.76 -11.86
CA LEU B 29 11.15 14.90 -13.24
C LEU B 29 9.65 15.21 -13.36
N GLU B 30 9.08 15.82 -12.31
CA GLU B 30 7.67 16.27 -12.30
C GLU B 30 7.42 17.23 -11.15
N TYR B 31 6.40 18.06 -11.32
CA TYR B 31 6.14 19.11 -10.34
C TYR B 31 5.67 18.58 -8.99
N SER B 32 4.79 17.59 -9.01
CA SER B 32 4.33 16.97 -7.77
C SER B 32 5.48 16.47 -6.88
N PHE B 33 6.59 16.11 -7.53
CA PHE B 33 7.77 15.53 -6.86
C PHE B 33 8.60 16.63 -6.19
N ALA B 34 8.62 17.81 -6.80
CA ALA B 34 9.22 19.01 -6.18
C ALA B 34 8.45 19.42 -4.91
N ASP B 35 7.13 19.57 -5.05
CA ASP B 35 6.26 19.89 -3.90
C ASP B 35 6.51 18.95 -2.73
N ALA B 36 6.60 17.65 -3.01
CA ALA B 36 6.85 16.65 -1.97
C ALA B 36 8.13 16.98 -1.21
N LEU B 37 9.21 17.31 -1.93
CA LEU B 37 10.50 17.63 -1.31
C LEU B 37 10.41 18.90 -0.48
N ALA B 38 9.79 19.93 -1.05
CA ALA B 38 9.60 21.22 -0.41
C ALA B 38 8.71 21.10 0.84
N ALA B 39 7.69 20.23 0.78
CA ALA B 39 6.87 19.97 1.98
C ALA B 39 7.71 19.27 3.05
N LEU B 40 8.66 18.45 2.59
CA LEU B 40 9.55 17.65 3.47
C LEU B 40 10.83 18.37 3.88
N ASP B 41 10.89 19.68 3.65
CA ASP B 41 12.07 20.50 3.96
C ASP B 41 13.34 20.07 3.18
N VAL B 42 13.16 19.58 1.96
CA VAL B 42 14.25 19.13 1.07
C VAL B 42 14.16 19.94 -0.22
N LYS B 43 15.31 20.17 -0.87
CA LYS B 43 15.36 21.03 -2.03
C LYS B 43 16.14 20.31 -3.13
N PRO B 44 15.55 20.12 -4.31
CA PRO B 44 16.27 19.30 -5.27
C PRO B 44 17.33 20.09 -6.05
N VAL B 45 18.31 19.38 -6.59
CA VAL B 45 19.37 20.01 -7.37
C VAL B 45 18.96 20.19 -8.83
N GLY B 46 17.89 19.50 -9.23
CA GLY B 46 17.37 19.59 -10.58
C GLY B 46 15.90 19.26 -10.72
N ILE B 47 15.17 20.11 -11.43
CA ILE B 47 13.77 19.80 -11.75
C ILE B 47 13.59 19.75 -13.25
N ALA B 48 12.97 18.69 -13.78
CA ALA B 48 12.41 18.80 -15.15
C ALA B 48 11.26 19.78 -15.09
N ASP B 49 11.53 21.02 -15.48
CA ASP B 49 10.53 22.05 -15.35
C ASP B 49 9.97 22.55 -16.70
N ASP B 50 10.17 21.78 -17.77
CA ASP B 50 9.76 22.16 -19.14
C ASP B 50 10.44 23.47 -19.56
N GLY B 51 11.53 23.80 -18.86
CA GLY B 51 12.28 25.03 -19.10
C GLY B 51 11.70 26.28 -18.46
N LYS B 52 10.51 26.16 -17.86
CA LYS B 52 9.79 27.35 -17.41
C LYS B 52 9.56 27.31 -15.91
N LYS B 53 10.31 28.12 -15.16
CA LYS B 53 10.24 28.13 -13.68
C LYS B 53 8.96 28.79 -13.13
N LYS B 54 8.18 29.42 -14.01
CA LYS B 54 6.86 29.99 -13.68
C LYS B 54 5.84 28.87 -13.53
N ARG B 55 6.23 27.67 -13.95
CA ARG B 55 5.36 26.50 -13.80
C ARG B 55 5.35 25.86 -12.44
N ILE B 56 6.42 26.04 -11.66
CA ILE B 56 6.36 25.69 -10.24
C ILE B 56 5.42 26.68 -9.53
N ILE B 57 4.56 26.16 -8.67
CA ILE B 57 3.65 26.99 -7.86
C ILE B 57 4.47 27.84 -6.85
N LYS B 58 4.20 29.15 -6.79
CA LYS B 58 5.12 30.08 -6.12
C LYS B 58 5.52 29.78 -4.68
N PRO B 59 4.60 29.22 -3.86
CA PRO B 59 5.13 28.89 -2.51
C PRO B 59 6.19 27.78 -2.52
N VAL B 60 6.04 26.81 -3.41
CA VAL B 60 7.02 25.73 -3.55
C VAL B 60 8.31 26.23 -4.22
N ARG B 61 8.18 27.13 -5.19
CA ARG B 61 9.32 27.66 -5.93
C ARG B 61 10.18 28.57 -5.04
N GLU B 62 9.57 29.33 -4.15
CA GLU B 62 10.33 30.11 -3.17
C GLU B 62 11.11 29.25 -2.17
N LYS B 63 10.47 28.23 -1.61
CA LYS B 63 11.13 27.39 -0.59
C LYS B 63 12.39 26.69 -1.12
N ILE B 64 12.31 26.17 -2.34
CA ILE B 64 13.41 25.46 -2.97
C ILE B 64 14.58 26.38 -3.31
N GLY B 65 14.28 27.49 -3.99
CA GLY B 65 15.28 28.46 -4.45
C GLY B 65 16.03 27.93 -5.67
N ASP B 66 17.36 28.11 -5.66
CA ASP B 66 18.22 27.67 -6.74
C ASP B 66 18.06 26.18 -7.03
N TYR B 67 17.85 25.86 -8.30
CA TYR B 67 17.94 24.48 -8.80
C TYR B 67 18.32 24.62 -10.27
N THR B 68 18.76 23.54 -10.89
CA THR B 68 19.00 23.57 -12.32
C THR B 68 17.92 22.79 -13.07
N SER B 69 17.42 23.39 -14.15
CA SER B 69 16.48 22.74 -15.07
C SER B 69 17.14 21.56 -15.76
N VAL B 70 16.40 20.48 -15.93
CA VAL B 70 16.91 19.39 -16.74
C VAL B 70 16.00 19.11 -17.94
N GLY B 71 15.39 20.16 -18.48
CA GLY B 71 14.60 20.03 -19.70
C GLY B 71 13.13 19.74 -19.45
N THR B 72 12.47 19.23 -20.48
CA THR B 72 11.03 19.02 -20.42
C THR B 72 10.68 17.75 -19.67
N ARG B 73 9.48 17.72 -19.12
CA ARG B 73 8.97 16.52 -18.48
C ARG B 73 8.77 15.36 -19.47
N LYS B 74 8.31 15.66 -20.68
CA LYS B 74 8.15 14.63 -21.71
C LYS B 74 9.44 13.86 -22.04
N GLN B 75 10.54 14.57 -22.30
CA GLN B 75 11.82 13.95 -22.68
C GLN B 75 12.99 14.63 -21.95
N PRO B 76 13.18 14.32 -20.66
CA PRO B 76 14.25 14.90 -19.83
C PRO B 76 15.67 14.66 -20.39
N ASN B 77 16.60 15.58 -20.13
CA ASN B 77 17.93 15.54 -20.75
C ASN B 77 18.82 14.68 -19.86
N LEU B 78 19.24 13.53 -20.37
CA LEU B 78 19.92 12.56 -19.48
C LEU B 78 21.31 13.04 -19.19
N GLU B 79 21.93 13.70 -20.17
CA GLU B 79 23.23 14.30 -19.98
C GLU B 79 23.19 15.29 -18.82
N GLU B 80 22.18 16.17 -18.82
CA GLU B 80 22.02 17.17 -17.77
C GLU B 80 21.77 16.58 -16.39
N ILE B 81 20.99 15.51 -16.35
CA ILE B 81 20.72 14.80 -15.11
C ILE B 81 22.03 14.26 -14.50
N SER B 82 22.89 13.68 -15.33
CA SER B 82 24.18 13.14 -14.87
C SER B 82 25.19 14.20 -14.43
N LYS B 83 25.12 15.40 -15.01
CA LYS B 83 26.07 16.47 -14.71
C LYS B 83 25.84 17.12 -13.33
N LEU B 84 24.65 16.93 -12.78
CA LEU B 84 24.30 17.42 -11.44
C LEU B 84 24.68 16.47 -10.30
N LYS B 85 25.18 15.27 -10.66
CA LYS B 85 25.76 14.31 -9.72
C LYS B 85 24.79 13.88 -8.63
N PRO B 86 23.62 13.32 -9.03
CA PRO B 86 22.52 12.93 -8.13
C PRO B 86 22.79 11.66 -7.34
N ASP B 87 22.36 11.65 -6.07
CA ASP B 87 22.36 10.43 -5.27
C ASP B 87 21.01 9.74 -5.55
N LEU B 88 20.00 10.52 -5.92
CA LEU B 88 18.66 10.00 -6.18
C LEU B 88 17.93 10.75 -7.30
N ILE B 89 17.24 9.98 -8.13
CA ILE B 89 16.37 10.50 -9.18
C ILE B 89 14.98 9.98 -8.89
N ILE B 90 13.99 10.86 -9.01
CA ILE B 90 12.62 10.50 -8.86
C ILE B 90 11.96 10.74 -10.24
N ALA B 91 11.38 9.67 -10.78
CA ALA B 91 10.86 9.65 -12.13
C ALA B 91 9.36 9.31 -12.15
N ASP B 92 8.73 9.61 -13.28
CA ASP B 92 7.29 9.45 -13.45
C ASP B 92 7.07 8.11 -14.17
N SER B 93 6.37 7.21 -13.50
CA SER B 93 6.17 5.82 -13.93
C SER B 93 5.54 5.64 -15.31
N SER B 94 4.84 6.67 -15.80
CA SER B 94 4.27 6.69 -17.16
C SER B 94 5.18 7.36 -18.18
N ARG B 95 5.64 8.58 -17.89
CA ARG B 95 6.43 9.35 -18.86
C ARG B 95 7.82 8.77 -19.07
N HIS B 96 8.42 8.26 -18.00
CA HIS B 96 9.83 7.92 -18.02
C HIS B 96 10.12 6.41 -18.02
N LYS B 97 9.14 5.64 -18.49
CA LYS B 97 9.26 4.19 -18.71
C LYS B 97 10.36 3.86 -19.69
N GLY B 98 10.29 4.51 -20.86
CA GLY B 98 11.21 4.27 -21.98
C GLY B 98 12.67 4.52 -21.62
N ILE B 99 12.89 5.47 -20.73
CA ILE B 99 14.23 5.87 -20.28
C ILE B 99 14.66 5.36 -18.89
N ASN B 100 13.87 4.51 -18.25
CA ASN B 100 14.25 3.99 -16.91
C ASN B 100 15.56 3.21 -16.91
N LYS B 101 15.91 2.60 -18.05
N LYS B 101 15.89 2.58 -18.04
CA LYS B 101 17.18 1.89 -18.19
CA LYS B 101 17.16 1.90 -18.22
C LYS B 101 18.39 2.83 -18.13
C LYS B 101 18.35 2.86 -18.07
N GLU B 102 18.27 4.01 -18.73
CA GLU B 102 19.36 4.99 -18.73
C GLU B 102 19.45 5.75 -17.39
N LEU B 103 18.31 5.93 -16.72
CA LEU B 103 18.28 6.71 -15.48
C LEU B 103 18.84 5.92 -14.32
N ASN B 104 18.49 4.65 -14.23
CA ASN B 104 19.02 3.76 -13.20
C ASN B 104 20.52 3.46 -13.40
N LYS B 105 21.07 3.96 -14.51
CA LYS B 105 22.52 3.83 -14.78
C LYS B 105 23.31 4.94 -14.08
N ILE B 106 22.60 6.01 -13.72
CA ILE B 106 23.17 7.24 -13.16
C ILE B 106 23.09 7.31 -11.64
N ALA B 107 22.00 6.78 -11.06
CA ALA B 107 21.75 6.81 -9.61
C ALA B 107 20.50 5.98 -9.31
N PRO B 108 20.27 5.60 -8.04
CA PRO B 108 18.98 4.97 -7.79
C PRO B 108 17.82 5.87 -8.27
N THR B 109 16.79 5.25 -8.84
CA THR B 109 15.66 5.95 -9.43
C THR B 109 14.36 5.39 -8.91
N LEU B 110 13.55 6.25 -8.32
CA LEU B 110 12.19 5.90 -7.97
C LEU B 110 11.32 6.20 -9.19
N SER B 111 10.44 5.26 -9.49
CA SER B 111 9.50 5.38 -10.58
C SER B 111 8.12 5.46 -9.92
N LEU B 112 7.56 6.65 -9.85
CA LEU B 112 6.34 6.90 -9.08
C LEU B 112 5.27 7.54 -9.96
N LYS B 113 4.01 7.47 -9.51
CA LYS B 113 2.94 8.05 -10.30
C LYS B 113 2.72 9.51 -10.02
N SER B 114 2.40 10.22 -11.09
CA SER B 114 2.02 11.59 -11.02
C SER B 114 1.17 11.87 -12.26
N PHE B 115 1.81 12.00 -13.43
CA PHE B 115 1.12 12.38 -14.64
C PHE B 115 -0.09 11.49 -14.85
N ASP B 116 0.09 10.19 -14.61
CA ASP B 116 -0.95 9.21 -14.89
C ASP B 116 -1.64 8.69 -13.62
N GLY B 117 -1.47 9.42 -12.53
CA GLY B 117 -2.07 9.03 -11.29
C GLY B 117 -3.15 9.98 -10.86
N ASP B 118 -4.06 9.46 -10.06
CA ASP B 118 -5.11 10.27 -9.48
C ASP B 118 -4.60 10.82 -8.15
N TYR B 119 -5.45 11.58 -7.49
CA TYR B 119 -5.14 12.27 -6.25
C TYR B 119 -4.53 11.32 -5.21
N LYS B 120 -5.24 10.24 -4.88
CA LYS B 120 -4.76 9.31 -3.86
C LYS B 120 -3.50 8.55 -4.31
N GLN B 121 -3.30 8.37 -5.61
CA GLN B 121 -2.04 7.79 -6.11
C GLN B 121 -0.89 8.79 -5.95
N ASN B 122 -1.18 10.08 -6.12
CA ASN B 122 -0.21 11.17 -5.95
C ASN B 122 0.16 11.45 -4.52
N ILE B 123 -0.80 11.27 -3.60
CA ILE B 123 -0.55 11.35 -2.16
C ILE B 123 0.33 10.17 -1.75
N ASN B 124 0.00 8.98 -2.24
CA ASN B 124 0.85 7.79 -2.07
C ASN B 124 2.29 8.07 -2.53
N SER B 125 2.45 8.73 -3.67
CA SER B 125 3.80 9.11 -4.11
C SER B 125 4.48 9.97 -3.02
N PHE B 126 3.80 11.04 -2.57
CA PHE B 126 4.31 11.82 -1.46
C PHE B 126 4.74 10.91 -0.29
N LYS B 127 3.96 9.89 0.04
CA LYS B 127 4.30 8.95 1.12
C LYS B 127 5.60 8.19 0.83
N THR B 128 5.72 7.61 -0.37
CA THR B 128 6.94 6.91 -0.78
C THR B 128 8.16 7.81 -0.69
N ILE B 129 8.05 9.05 -1.18
CA ILE B 129 9.17 10.00 -1.12
C ILE B 129 9.61 10.33 0.33
N ALA B 130 8.65 10.44 1.23
CA ALA B 130 8.94 10.70 2.63
C ALA B 130 9.66 9.50 3.26
N LYS B 131 9.21 8.29 2.91
CA LYS B 131 9.84 7.04 3.32
C LYS B 131 11.29 6.95 2.80
N ALA B 132 11.50 7.34 1.54
CA ALA B 132 12.82 7.24 0.91
C ALA B 132 13.83 8.26 1.45
N LEU B 133 13.34 9.37 1.98
CA LEU B 133 14.22 10.44 2.42
C LEU B 133 14.36 10.50 3.94
N ASN B 134 14.11 9.36 4.60
CA ASN B 134 14.12 9.23 6.04
C ASN B 134 13.27 10.32 6.74
N LYS B 135 12.08 10.57 6.17
CA LYS B 135 11.13 11.59 6.64
C LYS B 135 9.73 11.01 6.89
N GLU B 136 9.65 9.73 7.29
CA GLU B 136 8.34 9.04 7.35
C GLU B 136 7.42 9.64 8.41
N LYS B 137 8.02 10.12 9.50
CA LYS B 137 7.26 10.77 10.56
C LYS B 137 6.88 12.21 10.19
N GLU B 138 7.82 12.93 9.57
CA GLU B 138 7.60 14.28 9.04
C GLU B 138 6.43 14.25 8.04
N GLY B 139 6.39 13.17 7.26
CA GLY B 139 5.36 12.96 6.26
C GLY B 139 4.01 12.81 6.93
N GLU B 140 3.98 11.98 7.99
CA GLU B 140 2.76 11.70 8.74
C GLU B 140 2.05 12.99 9.13
N LYS B 141 2.80 13.85 9.84
CA LYS B 141 2.39 15.21 10.22
C LYS B 141 1.95 16.06 9.04
N ARG B 142 2.82 16.20 8.04
CA ARG B 142 2.47 16.99 6.85
C ARG B 142 1.07 16.63 6.35
N LEU B 143 0.83 15.33 6.12
CA LEU B 143 -0.43 14.83 5.54
C LEU B 143 -1.70 14.94 6.39
N ALA B 144 -1.55 14.78 7.70
CA ALA B 144 -2.67 14.96 8.61
C ALA B 144 -3.19 16.36 8.49
N GLU B 145 -2.29 17.34 8.61
CA GLU B 145 -2.63 18.76 8.51
C GLU B 145 -3.20 19.18 7.13
N HIS B 146 -2.65 18.58 6.07
CA HIS B 146 -3.16 18.81 4.70
C HIS B 146 -4.64 18.44 4.69
N ASP B 147 -4.93 17.19 5.08
CA ASP B 147 -6.29 16.65 5.06
C ASP B 147 -7.29 17.50 5.85
N LYS B 148 -6.88 17.98 7.05
CA LYS B 148 -7.76 18.81 7.88
C LYS B 148 -7.99 20.20 7.27
N LEU B 149 -6.97 20.72 6.59
CA LEU B 149 -7.09 21.99 5.89
C LEU B 149 -8.01 21.85 4.66
N ILE B 150 -7.99 20.67 4.05
CA ILE B 150 -8.91 20.37 2.94
C ILE B 150 -10.36 20.35 3.42
N ASN B 151 -10.58 19.82 4.62
CA ASN B 151 -11.92 19.77 5.20
C ASN B 151 -12.48 21.14 5.54
N LYS B 152 -11.66 21.97 6.19
CA LYS B 152 -12.03 23.36 6.50
C LYS B 152 -12.54 24.06 5.25
N TYR B 153 -11.79 23.97 4.16
CA TYR B 153 -12.18 24.59 2.90
C TYR B 153 -13.39 23.88 2.32
N LYS B 154 -13.38 22.55 2.33
CA LYS B 154 -14.50 21.74 1.83
C LYS B 154 -15.84 22.29 2.31
N ASP B 155 -15.90 22.64 3.59
CA ASP B 155 -17.13 23.12 4.21
C ASP B 155 -17.51 24.58 3.87
N GLU B 156 -16.52 25.39 3.49
N GLU B 156 -16.52 25.37 3.45
CA GLU B 156 -16.78 26.77 3.05
CA GLU B 156 -16.77 26.75 3.05
C GLU B 156 -17.34 26.80 1.62
C GLU B 156 -17.07 26.88 1.55
N ILE B 157 -17.09 25.73 0.86
CA ILE B 157 -17.52 25.65 -0.54
C ILE B 157 -19.03 25.38 -0.60
N LYS B 158 -19.80 26.36 -1.09
CA LYS B 158 -21.26 26.33 -1.03
C LYS B 158 -21.97 25.72 -2.23
N PHE B 159 -21.21 25.40 -3.29
CA PHE B 159 -21.78 24.93 -4.56
C PHE B 159 -22.66 23.70 -4.37
N ASP B 160 -23.87 23.77 -4.90
CA ASP B 160 -24.74 22.60 -5.01
C ASP B 160 -23.92 21.40 -5.52
N ARG B 161 -23.62 20.46 -4.62
CA ARG B 161 -22.86 19.27 -5.00
C ARG B 161 -23.67 18.23 -5.80
N ASN B 162 -24.97 18.49 -5.98
CA ASN B 162 -25.82 17.64 -6.82
C ASN B 162 -25.52 17.82 -8.31
N GLN B 163 -25.04 19.02 -8.68
CA GLN B 163 -24.75 19.37 -10.07
C GLN B 163 -23.43 18.74 -10.53
N LYS B 164 -23.51 17.85 -11.52
CA LYS B 164 -22.32 17.12 -11.98
C LYS B 164 -21.33 18.08 -12.62
N VAL B 165 -20.05 17.93 -12.27
CA VAL B 165 -19.01 18.84 -12.73
C VAL B 165 -18.13 18.18 -13.79
N LEU B 166 -17.85 18.91 -14.88
CA LEU B 166 -16.81 18.52 -15.84
C LEU B 166 -15.58 19.44 -15.81
N PRO B 167 -14.40 18.91 -15.42
CA PRO B 167 -13.16 19.69 -15.56
C PRO B 167 -12.51 19.38 -16.90
N ALA B 168 -11.95 20.40 -17.55
CA ALA B 168 -11.40 20.22 -18.87
C ALA B 168 -10.46 21.36 -19.25
N VAL B 169 -9.66 21.10 -20.27
CA VAL B 169 -8.69 22.04 -20.76
C VAL B 169 -9.07 22.22 -22.21
N VAL B 170 -9.28 23.46 -22.64
CA VAL B 170 -9.74 23.73 -24.00
C VAL B 170 -8.54 24.07 -24.87
N ALA B 171 -7.89 23.02 -25.33
CA ALA B 171 -6.57 23.15 -25.93
C ALA B 171 -6.54 23.06 -27.45
N LYS B 172 -5.33 23.17 -28.00
CA LYS B 172 -5.09 23.46 -29.42
C LYS B 172 -5.76 22.45 -30.35
N ALA B 173 -5.59 21.16 -30.03
CA ALA B 173 -6.12 20.09 -30.87
C ALA B 173 -7.40 19.46 -30.33
N GLY B 174 -7.51 19.34 -29.00
CA GLY B 174 -8.70 18.74 -28.38
C GLY B 174 -9.24 19.44 -27.13
N LEU B 175 -10.46 19.08 -26.72
CA LEU B 175 -11.08 19.55 -25.47
C LEU B 175 -10.52 18.94 -24.16
N LEU B 176 -10.21 17.65 -24.14
CA LEU B 176 -9.55 16.99 -22.99
C LEU B 176 -10.18 17.15 -21.59
N ALA B 177 -11.16 16.31 -21.34
CA ALA B 177 -11.81 16.24 -20.06
C ALA B 177 -10.98 15.38 -19.09
N HIS B 178 -11.09 15.73 -17.81
CA HIS B 178 -10.37 15.10 -16.73
C HIS B 178 -11.40 14.29 -15.92
N PRO B 179 -11.44 12.96 -16.13
CA PRO B 179 -12.49 12.10 -15.54
C PRO B 179 -12.26 11.89 -14.02
N ASN B 180 -13.14 11.16 -13.34
CA ASN B 180 -13.02 10.96 -11.88
C ASN B 180 -11.78 10.12 -11.38
N TYR B 181 -11.01 9.59 -12.31
CA TYR B 181 -9.74 8.93 -12.02
C TYR B 181 -8.52 9.73 -12.50
N SER B 182 -8.74 11.00 -12.81
CA SER B 182 -7.66 11.96 -12.95
C SER B 182 -7.43 12.57 -11.57
N TYR B 183 -6.32 13.26 -11.43
CA TYR B 183 -6.02 14.00 -10.22
C TYR B 183 -7.11 14.98 -9.83
N VAL B 184 -7.49 15.79 -10.79
CA VAL B 184 -8.44 16.85 -10.60
C VAL B 184 -9.86 16.30 -10.46
N GLY B 185 -10.17 15.26 -11.22
CA GLY B 185 -11.46 14.55 -11.08
C GLY B 185 -11.60 13.85 -9.73
N GLN B 186 -10.56 13.19 -9.25
CA GLN B 186 -10.70 12.49 -7.97
C GLN B 186 -10.58 13.44 -6.78
N PHE B 187 -9.91 14.57 -6.99
CA PHE B 187 -9.87 15.58 -5.95
C PHE B 187 -11.21 16.27 -5.78
N LEU B 188 -11.86 16.63 -6.88
CA LEU B 188 -13.20 17.22 -6.78
C LEU B 188 -14.14 16.26 -6.05
N ASN B 189 -14.06 14.97 -6.40
CA ASN B 189 -14.80 13.94 -5.69
C ASN B 189 -14.56 13.98 -4.18
N GLU B 190 -13.32 14.26 -3.76
CA GLU B 190 -12.95 14.32 -2.34
C GLU B 190 -13.45 15.58 -1.63
N LEU B 191 -14.00 16.51 -2.40
CA LEU B 191 -14.64 17.72 -1.88
C LEU B 191 -16.18 17.63 -1.91
N GLY B 192 -16.70 16.49 -2.37
CA GLY B 192 -18.13 16.26 -2.41
C GLY B 192 -18.76 16.30 -3.79
N PHE B 193 -17.95 16.58 -4.81
CA PHE B 193 -18.45 16.74 -6.18
C PHE B 193 -18.66 15.42 -6.93
N LYS B 194 -19.36 15.47 -8.06
CA LYS B 194 -19.60 14.30 -8.91
C LYS B 194 -19.30 14.67 -10.35
N ASN B 195 -18.72 13.74 -11.12
CA ASN B 195 -18.24 14.03 -12.49
C ASN B 195 -19.29 13.78 -13.59
N ALA B 196 -19.42 14.70 -14.53
CA ALA B 196 -20.30 14.52 -15.72
C ALA B 196 -19.91 13.32 -16.60
N LEU B 197 -18.73 12.76 -16.36
N LEU B 197 -18.75 12.72 -16.32
CA LEU B 197 -18.28 11.58 -17.07
CA LEU B 197 -18.22 11.59 -17.08
C LEU B 197 -18.45 10.34 -16.22
C LEU B 197 -18.31 10.31 -16.27
N SER B 198 -18.89 9.27 -16.86
CA SER B 198 -18.96 7.97 -16.22
C SER B 198 -17.97 7.06 -16.95
N ASP B 199 -17.64 5.93 -16.31
CA ASP B 199 -16.75 4.93 -16.88
C ASP B 199 -17.29 4.39 -18.21
N ASP B 200 -18.60 4.55 -18.43
CA ASP B 200 -19.24 4.06 -19.65
C ASP B 200 -18.99 4.96 -20.86
N VAL B 201 -18.98 6.27 -20.64
CA VAL B 201 -18.58 7.17 -21.71
C VAL B 201 -17.05 7.17 -21.83
N THR B 202 -16.39 7.32 -20.68
CA THR B 202 -14.94 7.19 -20.51
C THR B 202 -14.27 6.15 -21.42
N LYS B 203 -14.86 4.96 -21.46
CA LYS B 203 -14.33 3.84 -22.25
C LYS B 203 -14.26 4.12 -23.77
N GLY B 204 -13.07 3.86 -24.33
CA GLY B 204 -12.84 4.02 -25.76
C GLY B 204 -12.48 5.43 -26.20
N LEU B 205 -12.40 6.37 -25.26
CA LEU B 205 -11.97 7.73 -25.59
C LEU B 205 -10.45 7.79 -25.76
N SER B 206 -10.00 8.57 -26.72
CA SER B 206 -8.57 8.75 -26.94
C SER B 206 -7.89 9.45 -25.75
N LYS B 207 -6.94 8.74 -25.13
CA LYS B 207 -6.13 9.28 -24.02
C LYS B 207 -4.98 10.17 -24.49
N TYR B 208 -4.80 11.31 -23.83
CA TYR B 208 -3.71 12.26 -24.15
C TYR B 208 -2.42 11.81 -23.48
N LEU B 209 -1.42 11.49 -24.30
CA LEU B 209 -0.16 10.90 -23.85
C LEU B 209 -0.35 9.80 -22.79
N LYS B 210 -1.33 8.92 -23.03
CA LYS B 210 -1.60 7.76 -22.16
C LYS B 210 -1.85 8.16 -20.71
N GLY B 211 -2.28 9.40 -20.52
CA GLY B 211 -2.76 9.83 -19.23
C GLY B 211 -4.27 9.80 -19.21
N PRO B 212 -4.87 10.00 -18.02
CA PRO B 212 -6.32 10.04 -17.96
C PRO B 212 -6.90 11.41 -18.29
N TYR B 213 -6.62 11.89 -19.51
CA TYR B 213 -7.15 13.16 -20.02
C TYR B 213 -7.75 12.85 -21.40
N LEU B 214 -9.07 13.00 -21.52
CA LEU B 214 -9.84 12.30 -22.57
C LEU B 214 -10.36 13.24 -23.63
N GLN B 215 -10.11 12.90 -24.89
CA GLN B 215 -10.52 13.77 -26.01
C GLN B 215 -12.02 13.72 -26.30
N LEU B 216 -12.71 14.87 -26.14
CA LEU B 216 -14.16 15.04 -26.32
C LEU B 216 -14.53 15.92 -27.50
N ASP B 217 -15.16 15.36 -28.54
CA ASP B 217 -15.72 16.21 -29.61
C ASP B 217 -16.91 16.96 -29.06
N THR B 218 -17.38 17.97 -29.77
CA THR B 218 -18.40 18.84 -29.20
C THR B 218 -19.72 18.10 -28.94
N GLU B 219 -20.11 17.18 -29.82
CA GLU B 219 -21.33 16.40 -29.58
C GLU B 219 -21.25 15.51 -28.33
N HIS B 220 -20.06 15.01 -28.00
CA HIS B 220 -19.89 14.35 -26.70
C HIS B 220 -20.14 15.30 -25.55
N LEU B 221 -19.61 16.52 -25.66
CA LEU B 221 -19.90 17.55 -24.64
C LEU B 221 -21.37 17.93 -24.71
N ALA B 222 -21.92 18.00 -25.92
CA ALA B 222 -23.35 18.25 -26.10
C ALA B 222 -24.18 17.17 -25.44
N ASP B 223 -23.69 15.92 -25.50
CA ASP B 223 -24.38 14.77 -24.92
C ASP B 223 -24.05 14.57 -23.45
N LEU B 224 -22.92 15.10 -23.01
CA LEU B 224 -22.59 15.13 -21.59
C LEU B 224 -23.50 16.14 -20.87
N ASN B 225 -23.72 17.31 -21.52
CA ASN B 225 -24.59 18.39 -20.99
C ASN B 225 -24.21 18.69 -19.54
N PRO B 226 -22.95 19.13 -19.32
CA PRO B 226 -22.48 19.28 -17.93
C PRO B 226 -23.24 20.43 -17.22
N GLU B 227 -23.64 20.23 -15.97
CA GLU B 227 -24.30 21.29 -15.20
C GLU B 227 -23.29 22.36 -14.76
N ARG B 228 -22.03 21.95 -14.65
CA ARG B 228 -20.99 22.87 -14.20
C ARG B 228 -19.71 22.57 -14.97
N MET B 229 -18.89 23.60 -15.15
CA MET B 229 -17.61 23.38 -15.78
C MET B 229 -16.56 24.18 -15.08
N ILE B 230 -15.36 23.60 -15.05
CA ILE B 230 -14.18 24.26 -14.54
C ILE B 230 -13.23 24.14 -15.71
N ILE B 231 -12.83 25.26 -16.28
CA ILE B 231 -11.92 25.25 -17.43
C ILE B 231 -10.50 25.66 -16.97
N MET B 232 -9.49 24.90 -17.36
CA MET B 232 -8.14 25.11 -16.87
C MET B 232 -7.30 25.63 -18.02
N THR B 233 -6.79 26.86 -17.91
CA THR B 233 -6.11 27.52 -19.04
C THR B 233 -4.72 28.04 -18.74
N ASP B 234 -3.92 28.15 -19.79
CA ASP B 234 -2.58 28.74 -19.76
C ASP B 234 -2.53 30.29 -19.89
N HIS B 235 -3.62 30.91 -20.32
CA HIS B 235 -3.56 32.32 -20.72
C HIS B 235 -3.78 33.29 -19.56
N ALA B 236 -2.70 34.01 -19.21
CA ALA B 236 -2.59 34.90 -18.03
C ALA B 236 -3.90 35.39 -17.46
N LYS B 237 -4.79 35.82 -18.35
CA LYS B 237 -6.19 35.98 -18.05
C LYS B 237 -6.81 36.57 -19.29
N LYS B 238 -7.71 35.83 -19.95
CA LYS B 238 -7.82 34.37 -19.90
C LYS B 238 -8.70 34.09 -21.11
N ASP B 239 -8.05 34.04 -22.29
CA ASP B 239 -8.65 34.48 -23.56
C ASP B 239 -8.21 33.71 -24.80
N SER B 240 -7.84 32.43 -24.66
CA SER B 240 -7.27 31.66 -25.78
C SER B 240 -8.16 31.63 -27.03
N ALA B 241 -7.54 31.49 -28.19
CA ALA B 241 -8.27 31.44 -29.46
C ALA B 241 -9.16 30.21 -29.52
N GLU B 242 -8.68 29.07 -29.04
CA GLU B 242 -9.52 27.86 -29.03
C GLU B 242 -10.73 27.97 -28.10
N PHE B 243 -10.64 28.81 -27.07
CA PHE B 243 -11.74 28.96 -26.12
C PHE B 243 -12.80 29.94 -26.60
N LYS B 244 -12.36 30.99 -27.29
CA LYS B 244 -13.28 31.83 -28.05
C LYS B 244 -14.05 31.06 -29.14
N LYS B 245 -13.32 30.25 -29.94
CA LYS B 245 -13.91 29.41 -31.00
C LYS B 245 -15.06 28.56 -30.42
N LEU B 246 -14.80 27.97 -29.27
CA LEU B 246 -15.76 27.15 -28.54
C LEU B 246 -16.91 27.95 -27.91
N GLN B 247 -16.60 29.09 -27.27
CA GLN B 247 -17.62 29.99 -26.69
C GLN B 247 -18.55 30.53 -27.76
N GLU B 248 -18.06 30.49 -29.01
CA GLU B 248 -18.72 31.02 -30.18
C GLU B 248 -19.64 29.95 -30.78
N ASP B 249 -19.51 28.71 -30.25
CA ASP B 249 -20.18 27.52 -30.78
C ASP B 249 -21.57 27.32 -30.13
N ALA B 250 -22.58 27.09 -30.97
CA ALA B 250 -23.96 26.96 -30.50
C ALA B 250 -24.14 25.78 -29.55
N THR B 251 -23.39 24.70 -29.77
CA THR B 251 -23.32 23.59 -28.82
C THR B 251 -23.08 24.12 -27.40
N TRP B 252 -21.98 24.85 -27.25
CA TRP B 252 -21.55 25.43 -25.98
C TRP B 252 -22.59 26.36 -25.32
N LYS B 253 -23.23 27.23 -26.09
CA LYS B 253 -24.18 28.19 -25.50
C LYS B 253 -25.46 27.59 -24.88
N LYS B 254 -25.89 26.41 -25.33
N LYS B 254 -25.84 26.40 -25.35
CA LYS B 254 -27.08 25.82 -24.69
CA LYS B 254 -27.02 25.69 -24.86
C LYS B 254 -26.77 24.64 -23.75
C LYS B 254 -26.75 24.90 -23.58
N LEU B 255 -25.50 24.50 -23.38
CA LEU B 255 -25.11 23.57 -22.32
C LEU B 255 -25.65 24.08 -20.99
N ASN B 256 -26.27 23.22 -20.21
CA ASN B 256 -26.78 23.62 -18.91
C ASN B 256 -25.80 24.61 -18.23
N ALA B 257 -24.53 24.20 -18.10
CA ALA B 257 -23.50 24.99 -17.41
C ALA B 257 -23.36 26.42 -17.90
N VAL B 258 -23.40 26.61 -19.21
CA VAL B 258 -23.25 27.96 -19.79
C VAL B 258 -24.48 28.80 -19.52
N LYS B 259 -25.62 28.39 -20.10
CA LYS B 259 -26.96 28.97 -19.86
C LYS B 259 -27.17 29.51 -18.46
N ASN B 260 -26.65 28.78 -17.46
CA ASN B 260 -26.90 29.07 -16.05
C ASN B 260 -25.69 29.65 -15.29
N ASN B 261 -24.62 29.97 -16.04
CA ASN B 261 -23.34 30.49 -15.49
C ASN B 261 -22.73 29.69 -14.36
N ARG B 262 -22.44 28.44 -14.64
CA ARG B 262 -21.70 27.59 -13.70
C ARG B 262 -20.43 27.11 -14.41
N VAL B 263 -19.79 28.06 -15.09
CA VAL B 263 -18.51 27.86 -15.73
C VAL B 263 -17.50 28.80 -15.07
N ASP B 264 -16.43 28.24 -14.50
CA ASP B 264 -15.34 29.11 -14.06
C ASP B 264 -14.07 28.73 -14.79
N ILE B 265 -13.16 29.68 -14.90
CA ILE B 265 -11.95 29.48 -15.64
C ILE B 265 -10.82 29.67 -14.65
N VAL B 266 -9.93 28.70 -14.58
CA VAL B 266 -8.91 28.70 -13.54
C VAL B 266 -7.52 28.44 -14.12
N ASP B 267 -6.50 28.76 -13.33
CA ASP B 267 -5.12 28.58 -13.71
C ASP B 267 -4.79 27.07 -13.93
N ARG B 268 -4.32 26.73 -15.13
CA ARG B 268 -4.03 25.35 -15.49
C ARG B 268 -2.75 24.81 -14.82
N ASP B 269 -1.85 25.72 -14.43
CA ASP B 269 -0.57 25.33 -13.82
C ASP B 269 -0.84 24.79 -12.43
N VAL B 270 -1.72 25.48 -11.70
CA VAL B 270 -2.10 25.12 -10.35
C VAL B 270 -2.91 23.81 -10.36
N TRP B 271 -3.87 23.70 -11.29
CA TRP B 271 -4.90 22.68 -11.26
C TRP B 271 -4.52 21.35 -11.90
N ALA B 272 -3.93 21.41 -13.09
CA ALA B 272 -3.60 20.25 -13.87
C ALA B 272 -2.18 19.78 -13.66
N ARG B 273 -1.24 20.72 -13.66
CA ARG B 273 0.15 20.36 -13.69
C ARG B 273 0.79 20.07 -12.33
N SER B 274 0.25 20.65 -11.26
CA SER B 274 1.04 20.77 -10.05
C SER B 274 0.94 19.54 -9.12
N ARG B 275 -0.28 19.01 -8.97
CA ARG B 275 -0.58 17.79 -8.20
C ARG B 275 0.18 17.67 -6.90
N GLY B 276 0.29 18.78 -6.18
CA GLY B 276 1.00 18.76 -4.90
C GLY B 276 0.03 19.02 -3.76
N LEU B 277 0.55 19.01 -2.54
CA LEU B 277 -0.26 19.32 -1.39
C LEU B 277 -0.58 20.80 -1.36
N ILE B 278 0.35 21.64 -1.84
CA ILE B 278 0.17 23.08 -1.73
C ILE B 278 -0.82 23.49 -2.80
N SER B 279 -0.77 22.81 -3.94
CA SER B 279 -1.63 23.16 -5.03
C SER B 279 -3.08 22.70 -4.80
N SER B 280 -3.27 21.54 -4.20
CA SER B 280 -4.66 21.10 -3.98
C SER B 280 -5.33 21.89 -2.85
N GLU B 281 -4.56 22.29 -1.86
CA GLU B 281 -4.99 23.26 -0.87
C GLU B 281 -5.40 24.59 -1.52
N GLU B 282 -4.57 25.15 -2.38
CA GLU B 282 -4.92 26.38 -3.17
C GLU B 282 -6.16 26.24 -4.05
N MET B 283 -6.37 25.05 -4.62
CA MET B 283 -7.60 24.71 -5.37
C MET B 283 -8.85 24.70 -4.50
N ALA B 284 -8.76 24.01 -3.35
CA ALA B 284 -9.88 23.95 -2.43
C ALA B 284 -10.22 25.37 -2.01
N LYS B 285 -9.20 26.13 -1.60
CA LYS B 285 -9.34 27.54 -1.24
C LYS B 285 -9.94 28.41 -2.38
N GLU B 286 -9.51 28.19 -3.62
CA GLU B 286 -10.08 28.92 -4.76
C GLU B 286 -11.60 28.64 -4.91
N LEU B 287 -12.03 27.45 -4.51
CA LEU B 287 -13.43 27.07 -4.66
C LEU B 287 -14.31 27.81 -3.65
N VAL B 288 -13.71 28.14 -2.49
CA VAL B 288 -14.36 29.00 -1.49
C VAL B 288 -14.63 30.38 -2.08
N GLU B 289 -13.59 31.04 -2.58
CA GLU B 289 -13.73 32.36 -3.23
C GLU B 289 -14.76 32.39 -4.38
N LEU B 290 -14.77 31.35 -5.21
CA LEU B 290 -15.65 31.31 -6.40
C LEU B 290 -17.08 30.94 -6.04
N SER B 291 -17.22 30.20 -4.93
CA SER B 291 -18.48 29.81 -4.35
C SER B 291 -19.24 31.02 -3.79
N LYS B 292 -18.51 31.95 -3.17
CA LYS B 292 -19.09 33.20 -2.66
C LYS B 292 -19.55 34.14 -3.78
N LYS B 293 -18.67 34.33 -4.77
CA LYS B 293 -18.89 35.25 -5.88
C LYS B 293 -19.83 34.65 -6.92
#